data_6T8M
#
_entry.id   6T8M
#
_cell.length_a   45.216
_cell.length_b   81.781
_cell.length_c   379.210
_cell.angle_alpha   90.000
_cell.angle_beta   90.000
_cell.angle_gamma   90.000
#
_symmetry.space_group_name_H-M   'C 2 2 21'
#
loop_
_entity.id
_entity.type
_entity.pdbx_description
1 polymer 'Prolyl 4-hydroxylase subunit alpha'
2 non-polymer 'NICKEL (II) ION'
3 non-polymer GLYCEROL
4 non-polymer N-OXALYLGLYCINE
5 non-polymer 'CHLORIDE ION'
6 water water
#
_entity_poly.entity_id   1
_entity_poly.type   'polypeptide(L)'
_entity_poly.pdbx_seq_one_letter_code
;SMKIFNKESLNQLEKKGYLIIDNFLNDLNKINLIYDESYNQFKENKLIEAGMNKGTDKWKDKSIRGDYIQWIHRDSNSRI
QDKDLSSTIRNINYLLDKLDLIKNEFDNVIPNFNSIKTQTQLAVYLNGGRYIKHRDSFYSSESLTISRRITMIYYVNKDW
KKGDGGELRLYTNNPNNTNQKELKQTEEFIDIEPIADRLLIFLSPFLEHEVLQCNFEPRIAITTWIY
;
_entity_poly.pdbx_strand_id   A,B,C
#
loop_
_chem_comp.id
_chem_comp.type
_chem_comp.name
_chem_comp.formula
CL non-polymer 'CHLORIDE ION' 'Cl -1'
GOL non-polymer GLYCEROL 'C3 H8 O3'
NI non-polymer 'NICKEL (II) ION' 'Ni 2'
OGA non-polymer N-OXALYLGLYCINE 'C4 H5 N O5'
#
# COMPACT_ATOMS: atom_id res chain seq x y z
N SER A 1 -7.80 11.23 -4.46
CA SER A 1 -6.96 11.72 -5.56
C SER A 1 -6.90 13.24 -5.56
N MET A 2 -5.74 13.79 -5.92
CA MET A 2 -5.51 15.22 -5.89
C MET A 2 -5.91 15.92 -7.18
N LYS A 3 -6.35 15.19 -8.20
CA LYS A 3 -6.87 15.82 -9.41
C LYS A 3 -8.33 16.22 -9.15
N ILE A 4 -8.60 17.51 -9.24
CA ILE A 4 -9.92 18.03 -8.89
C ILE A 4 -10.89 18.04 -10.06
N PHE A 5 -10.39 18.25 -11.28
CA PHE A 5 -11.25 18.54 -12.42
C PHE A 5 -11.33 17.33 -13.34
N ASN A 6 -12.45 16.62 -13.25
CA ASN A 6 -12.83 15.58 -14.20
C ASN A 6 -14.01 16.10 -15.03
N LYS A 7 -14.59 15.21 -15.83
CA LYS A 7 -15.67 15.61 -16.72
C LYS A 7 -16.79 16.31 -15.95
N GLU A 8 -17.29 15.67 -14.89
CA GLU A 8 -18.48 16.17 -14.22
C GLU A 8 -18.16 17.41 -13.39
N SER A 9 -17.06 17.38 -12.62
CA SER A 9 -16.76 18.49 -11.73
C SER A 9 -16.54 19.78 -12.52
N LEU A 10 -15.84 19.70 -13.66
CA LEU A 10 -15.68 20.87 -14.52
C LEU A 10 -17.04 21.41 -14.95
N ASN A 11 -17.94 20.50 -15.37
CA ASN A 11 -19.26 20.93 -15.80
C ASN A 11 -20.03 21.58 -14.66
N GLN A 12 -19.86 21.09 -13.43
CA GLN A 12 -20.51 21.71 -12.29
C GLN A 12 -19.97 23.10 -12.03
N LEU A 13 -18.64 23.27 -12.10
CA LEU A 13 -18.05 24.58 -11.87
C LEU A 13 -18.53 25.58 -12.92
N GLU A 14 -18.64 25.15 -14.18
CA GLU A 14 -19.10 26.05 -15.23
C GLU A 14 -20.59 26.34 -15.11
N LYS A 15 -21.37 25.38 -14.63
CA LYS A 15 -22.82 25.55 -14.54
C LYS A 15 -23.23 26.13 -13.19
N LYS A 16 -22.93 25.43 -12.10
CA LYS A 16 -23.33 25.89 -10.78
C LYS A 16 -22.48 27.08 -10.32
N GLY A 17 -21.25 27.18 -10.79
CA GLY A 17 -20.37 28.26 -10.42
C GLY A 17 -19.50 28.02 -9.22
N TYR A 18 -19.68 26.90 -8.53
CA TYR A 18 -18.90 26.60 -7.33
C TYR A 18 -18.62 25.11 -7.26
N LEU A 19 -17.67 24.75 -6.39
CA LEU A 19 -17.29 23.35 -6.20
C LEU A 19 -16.80 23.19 -4.77
N ILE A 20 -17.28 22.16 -4.09
CA ILE A 20 -16.94 21.90 -2.69
C ILE A 20 -16.11 20.62 -2.63
N ILE A 21 -14.95 20.71 -1.99
CA ILE A 21 -14.03 19.59 -1.84
C ILE A 21 -13.74 19.42 -0.36
N ASP A 22 -14.34 18.39 0.25
CA ASP A 22 -14.11 18.09 1.66
C ASP A 22 -12.91 17.16 1.81
N ASN A 23 -12.34 17.17 3.01
CA ASN A 23 -11.17 16.36 3.33
C ASN A 23 -10.07 16.59 2.28
N PHE A 24 -9.75 17.86 2.06
CA PHE A 24 -8.78 18.23 1.03
C PHE A 24 -7.40 17.67 1.36
N LEU A 25 -6.88 17.97 2.55
CA LEU A 25 -5.61 17.40 2.99
C LEU A 25 -5.81 16.05 3.68
N ASN A 26 -6.88 15.91 4.46
CA ASN A 26 -7.18 14.68 5.19
C ASN A 26 -5.98 14.27 6.05
N ASP A 27 -5.32 15.26 6.65
CA ASP A 27 -4.18 15.03 7.53
C ASP A 27 -4.43 15.85 8.80
N LEU A 28 -4.95 15.20 9.84
CA LEU A 28 -5.33 15.91 11.05
C LEU A 28 -4.14 16.64 11.66
N ASN A 29 -3.00 15.95 11.79
CA ASN A 29 -1.82 16.59 12.35
C ASN A 29 -1.48 17.88 11.61
N LYS A 30 -1.57 17.86 10.28
CA LYS A 30 -1.26 19.06 9.50
C LYS A 30 -2.34 20.12 9.67
N ILE A 31 -3.60 19.71 9.70
CA ILE A 31 -4.70 20.67 9.89
C ILE A 31 -4.50 21.43 11.20
N ASN A 32 -4.12 20.72 12.26
CA ASN A 32 -3.92 21.38 13.55
C ASN A 32 -2.75 22.36 13.49
N LEU A 33 -1.70 22.02 12.73
CA LEU A 33 -0.57 22.93 12.60
C LEU A 33 -0.95 24.17 11.81
N ILE A 34 -1.79 24.02 10.79
CA ILE A 34 -2.26 25.18 10.04
C ILE A 34 -3.12 26.06 10.93
N TYR A 35 -3.97 25.46 11.76
CA TYR A 35 -4.75 26.23 12.73
C TYR A 35 -3.83 26.99 13.68
N ASP A 36 -2.87 26.29 14.29
CA ASP A 36 -1.98 26.93 15.25
C ASP A 36 -1.23 28.09 14.62
N GLU A 37 -0.57 27.85 13.49
CA GLU A 37 0.20 28.90 12.84
C GLU A 37 -0.68 30.07 12.44
N SER A 38 -1.89 29.79 11.95
CA SER A 38 -2.83 30.85 11.62
C SER A 38 -3.23 31.63 12.86
N TYR A 39 -3.48 30.93 13.98
CA TYR A 39 -3.86 31.59 15.21
C TYR A 39 -2.71 32.43 15.76
N ASN A 40 -1.48 31.92 15.65
CA ASN A 40 -0.32 32.65 16.17
C ASN A 40 -0.10 33.95 15.41
N GLN A 41 -0.41 33.98 14.11
CA GLN A 41 -0.32 35.22 13.35
C GLN A 41 -1.19 36.30 13.97
N PHE A 42 -2.40 35.93 14.40
CA PHE A 42 -3.27 36.88 15.08
C PHE A 42 -2.70 37.26 16.45
N LYS A 43 -2.34 36.26 17.26
CA LYS A 43 -1.82 36.53 18.59
C LYS A 43 -0.59 37.42 18.55
N GLU A 44 0.24 37.28 17.50
CA GLU A 44 1.48 38.03 17.38
C GLU A 44 1.29 39.36 16.67
N ASN A 45 0.05 39.84 16.55
CA ASN A 45 -0.25 41.13 15.93
C ASN A 45 0.36 41.23 14.54
N LYS A 46 0.10 40.20 13.72
CA LYS A 46 0.49 40.20 12.33
C LYS A 46 -0.69 40.37 11.38
N LEU A 47 -1.91 40.43 11.91
CA LEU A 47 -3.10 40.71 11.11
C LEU A 47 -3.50 42.17 11.26
N ILE A 48 -4.43 42.59 10.39
CA ILE A 48 -4.93 43.96 10.41
C ILE A 48 -6.44 43.93 10.21
N GLU A 49 -7.14 44.83 10.88
CA GLU A 49 -8.58 44.96 10.72
C GLU A 49 -8.88 45.45 9.31
N ALA A 50 -9.62 44.64 8.54
CA ALA A 50 -9.90 44.99 7.15
C ALA A 50 -10.82 46.21 7.07
N GLY A 51 -11.80 46.31 7.95
CA GLY A 51 -12.70 47.44 7.98
C GLY A 51 -12.24 48.55 8.89
N MET A 52 -10.99 48.51 9.33
CA MET A 52 -10.44 49.49 10.26
C MET A 52 -11.40 49.73 11.41
N THR A 56 -12.35 55.54 13.43
CA THR A 56 -13.68 55.11 12.99
C THR A 56 -14.24 56.08 11.95
N ASP A 57 -13.79 55.93 10.71
CA ASP A 57 -14.25 56.80 9.63
C ASP A 57 -15.57 56.30 9.06
N LYS A 58 -16.27 57.21 8.36
CA LYS A 58 -17.61 56.93 7.88
C LYS A 58 -17.60 55.80 6.84
N TRP A 59 -18.54 54.88 6.97
CA TRP A 59 -18.67 53.72 6.10
C TRP A 59 -17.38 52.90 6.02
N LYS A 60 -16.46 53.13 6.95
CA LYS A 60 -15.19 52.40 7.03
C LYS A 60 -15.05 51.96 8.49
N ASP A 61 -15.69 50.83 8.80
CA ASP A 61 -15.70 50.26 10.15
C ASP A 61 -16.07 48.79 10.01
N LYS A 62 -16.39 48.15 11.13
CA LYS A 62 -16.71 46.74 11.11
C LYS A 62 -18.09 46.44 10.56
N SER A 63 -18.85 47.45 10.13
CA SER A 63 -20.17 47.19 9.56
C SER A 63 -20.06 46.41 8.26
N ILE A 64 -19.05 46.70 7.45
CA ILE A 64 -18.88 46.01 6.17
C ILE A 64 -18.25 44.64 6.39
N ARG A 65 -17.05 44.61 6.94
CA ARG A 65 -16.38 43.36 7.28
C ARG A 65 -15.61 43.55 8.58
N GLY A 66 -15.67 42.53 9.45
CA GLY A 66 -15.09 42.64 10.77
C GLY A 66 -13.98 41.66 11.05
N ASP A 67 -13.33 41.15 10.00
CA ASP A 67 -12.27 40.18 10.17
C ASP A 67 -10.90 40.86 10.21
N TYR A 68 -9.92 40.11 10.71
CA TYR A 68 -8.53 40.52 10.74
C TYR A 68 -7.79 39.71 9.68
N ILE A 69 -7.10 40.40 8.77
CA ILE A 69 -6.54 39.74 7.60
C ILE A 69 -5.05 40.00 7.48
N GLN A 70 -4.39 39.16 6.70
CA GLN A 70 -2.98 39.31 6.35
C GLN A 70 -2.80 38.83 4.92
N TRP A 71 -2.11 39.63 4.11
CA TRP A 71 -1.81 39.27 2.73
C TRP A 71 -0.45 38.57 2.68
N ILE A 72 -0.46 37.30 2.30
CA ILE A 72 0.73 36.46 2.28
C ILE A 72 1.33 36.50 0.88
N HIS A 73 2.57 36.95 0.79
CA HIS A 73 3.30 36.93 -0.48
C HIS A 73 3.91 35.55 -0.68
N ARG A 74 3.75 34.99 -1.88
CA ARG A 74 4.11 33.61 -2.15
C ARG A 74 5.18 33.54 -3.23
N ASP A 75 5.91 32.43 -3.24
CA ASP A 75 6.99 32.21 -4.21
C ASP A 75 6.50 32.43 -5.63
N SER A 86 13.42 28.71 8.59
CA SER A 86 13.46 30.17 8.53
C SER A 86 12.08 30.74 8.25
N SER A 87 11.04 30.12 8.81
CA SER A 87 9.69 30.59 8.61
C SER A 87 8.81 30.08 9.75
N THR A 88 7.82 30.88 10.12
CA THR A 88 6.86 30.54 11.16
C THR A 88 5.58 29.94 10.60
N ILE A 89 5.38 29.99 9.28
CA ILE A 89 4.12 29.56 8.67
C ILE A 89 4.38 28.44 7.67
N ARG A 90 5.35 27.57 7.99
CA ARG A 90 5.71 26.49 7.08
C ARG A 90 4.48 25.70 6.62
N ASN A 91 3.60 25.34 7.56
CA ASN A 91 2.47 24.49 7.21
C ASN A 91 1.40 25.26 6.44
N ILE A 92 1.26 26.56 6.69
CA ILE A 92 0.40 27.37 5.83
C ILE A 92 0.95 27.40 4.41
N ASN A 93 2.28 27.56 4.29
CA ASN A 93 2.91 27.54 2.97
C ASN A 93 2.69 26.21 2.27
N TYR A 94 2.61 25.12 3.03
CA TYR A 94 2.31 23.82 2.43
C TYR A 94 0.95 23.83 1.76
N LEU A 95 -0.08 24.29 2.50
CA LEU A 95 -1.41 24.41 1.92
C LEU A 95 -1.38 25.28 0.67
N LEU A 96 -0.70 26.42 0.73
CA LEU A 96 -0.65 27.32 -0.40
C LEU A 96 -0.02 26.65 -1.62
N ASP A 97 1.00 25.81 -1.39
CA ASP A 97 1.56 25.04 -2.50
C ASP A 97 0.54 24.08 -3.08
N LYS A 98 -0.22 23.40 -2.21
CA LYS A 98 -1.29 22.53 -2.68
C LYS A 98 -2.30 23.32 -3.51
N LEU A 99 -2.70 24.50 -3.03
CA LEU A 99 -3.61 25.33 -3.80
C LEU A 99 -2.99 25.77 -5.12
N ASP A 100 -1.67 25.92 -5.16
CA ASP A 100 -1.00 26.29 -6.40
C ASP A 100 -1.10 25.17 -7.43
N LEU A 101 -1.11 23.91 -6.98
CA LEU A 101 -1.30 22.80 -7.90
C LEU A 101 -2.68 22.83 -8.55
N ILE A 102 -3.69 23.33 -7.82
CA ILE A 102 -5.02 23.49 -8.42
C ILE A 102 -4.97 24.52 -9.53
N LYS A 103 -4.25 25.63 -9.30
CA LYS A 103 -4.05 26.62 -10.36
C LYS A 103 -3.41 25.98 -11.58
N ASN A 104 -2.36 25.19 -11.36
CA ASN A 104 -1.72 24.49 -12.48
C ASN A 104 -2.73 23.62 -13.23
N GLU A 105 -3.61 22.94 -12.50
CA GLU A 105 -4.63 22.13 -13.14
C GLU A 105 -5.60 22.98 -13.95
N PHE A 106 -5.98 24.15 -13.42
CA PHE A 106 -6.80 25.08 -14.19
C PHE A 106 -6.17 25.38 -15.53
N ASP A 107 -4.89 25.73 -15.54
CA ASP A 107 -4.20 26.08 -16.78
C ASP A 107 -4.15 24.89 -17.73
N ASN A 108 -3.90 23.69 -17.20
CA ASN A 108 -3.74 22.52 -18.06
C ASN A 108 -5.06 22.02 -18.61
N VAL A 109 -6.15 22.16 -17.86
CA VAL A 109 -7.43 21.61 -18.29
C VAL A 109 -8.21 22.62 -19.14
N ILE A 110 -8.13 23.90 -18.79
CA ILE A 110 -8.78 24.96 -19.56
C ILE A 110 -7.71 25.62 -20.41
N PRO A 111 -7.68 25.41 -21.73
CA PRO A 111 -6.52 25.87 -22.52
C PRO A 111 -6.28 27.36 -22.45
N ASN A 112 -7.33 28.18 -22.48
CA ASN A 112 -7.18 29.63 -22.55
C ASN A 112 -7.35 30.30 -21.19
N PHE A 113 -7.15 29.57 -20.10
CA PHE A 113 -7.23 30.19 -18.78
C PHE A 113 -6.03 31.09 -18.53
N ASN A 114 -4.82 30.55 -18.66
CA ASN A 114 -3.59 31.33 -18.64
C ASN A 114 -3.51 32.21 -17.39
N SER A 115 -3.42 31.54 -16.26
CA SER A 115 -3.30 32.24 -14.98
C SER A 115 -2.17 33.25 -15.02
N ILE A 116 -2.40 34.41 -14.42
CA ILE A 116 -1.40 35.48 -14.37
C ILE A 116 -0.65 35.46 -13.05
N LYS A 117 -1.37 35.48 -11.93
CA LYS A 117 -0.76 35.48 -10.61
C LYS A 117 -1.80 35.01 -9.61
N THR A 118 -1.36 34.86 -8.36
CA THR A 118 -2.24 34.48 -7.27
C THR A 118 -2.15 35.51 -6.15
N GLN A 119 -3.24 35.62 -5.39
CA GLN A 119 -3.33 36.53 -4.26
C GLN A 119 -3.90 35.76 -3.08
N THR A 120 -3.21 35.78 -1.95
CA THR A 120 -3.55 34.98 -0.79
C THR A 120 -3.87 35.86 0.40
N GLN A 121 -4.92 35.48 1.13
CA GLN A 121 -5.38 36.23 2.30
C GLN A 121 -5.66 35.25 3.43
N LEU A 122 -5.00 35.47 4.57
CA LEU A 122 -5.35 34.79 5.81
C LEU A 122 -6.32 35.67 6.58
N ALA A 123 -7.49 35.12 6.90
CA ALA A 123 -8.56 35.88 7.53
C ALA A 123 -9.01 35.22 8.82
N VAL A 124 -9.22 36.04 9.85
CA VAL A 124 -9.68 35.58 11.15
C VAL A 124 -10.86 36.45 11.57
N TYR A 125 -12.02 35.82 11.77
CA TYR A 125 -13.18 36.48 12.34
C TYR A 125 -13.28 36.15 13.82
N LEU A 126 -13.65 37.14 14.62
CA LEU A 126 -13.93 36.93 16.04
C LEU A 126 -15.44 36.91 16.25
N ASN A 127 -15.85 36.76 17.51
CA ASN A 127 -17.27 36.66 17.83
C ASN A 127 -18.01 37.90 17.35
N GLY A 128 -19.08 37.69 16.58
CA GLY A 128 -19.85 38.77 16.04
C GLY A 128 -19.38 39.30 14.70
N GLY A 129 -18.35 38.69 14.10
CA GLY A 129 -17.85 39.17 12.83
C GLY A 129 -18.71 38.73 11.67
N ARG A 130 -18.66 39.50 10.59
CA ARG A 130 -19.46 39.22 9.40
C ARG A 130 -18.86 39.96 8.22
N TYR A 131 -19.34 39.61 7.03
CA TYR A 131 -18.90 40.22 5.78
C TYR A 131 -20.12 40.35 4.87
N ILE A 132 -20.52 41.59 4.57
CA ILE A 132 -21.75 41.84 3.82
C ILE A 132 -21.63 41.28 2.41
N LYS A 133 -22.77 41.20 1.71
CA LYS A 133 -22.79 40.69 0.35
C LYS A 133 -21.77 41.40 -0.51
N HIS A 134 -21.12 40.64 -1.38
CA HIS A 134 -20.12 41.20 -2.30
C HIS A 134 -19.72 40.13 -3.30
N ARG A 135 -19.04 40.57 -4.36
CA ARG A 135 -18.33 39.70 -5.27
C ARG A 135 -16.86 40.07 -5.23
N ASP A 136 -15.99 39.07 -5.44
CA ASP A 136 -14.57 39.27 -5.23
C ASP A 136 -13.91 40.04 -6.36
N SER A 137 -14.42 39.93 -7.58
CA SER A 137 -13.75 40.54 -8.73
C SER A 137 -13.94 42.06 -8.73
N PHE A 138 -12.92 42.76 -9.23
CA PHE A 138 -12.97 44.20 -9.34
C PHE A 138 -12.03 44.64 -10.46
N TYR A 139 -12.21 45.89 -10.89
CA TYR A 139 -11.36 46.52 -11.89
C TYR A 139 -10.82 47.81 -11.30
N SER A 140 -9.49 47.90 -11.17
CA SER A 140 -8.84 49.09 -10.64
C SER A 140 -7.72 49.51 -11.57
N SER A 141 -7.15 50.69 -11.29
CA SER A 141 -6.10 51.24 -12.12
C SER A 141 -4.78 50.48 -12.00
N GLU A 142 -4.66 49.54 -11.04
CA GLU A 142 -3.43 48.80 -10.88
C GLU A 142 -3.21 47.79 -12.01
N SER A 143 -4.25 47.44 -12.76
CA SER A 143 -4.12 46.46 -13.83
C SER A 143 -5.06 46.84 -14.97
N LEU A 144 -4.67 46.44 -16.18
CA LEU A 144 -5.51 46.69 -17.35
C LEU A 144 -6.77 45.85 -17.33
N THR A 145 -6.68 44.62 -16.82
CA THR A 145 -7.74 43.64 -16.94
C THR A 145 -8.42 43.40 -15.59
N ILE A 146 -9.34 42.43 -15.57
CA ILE A 146 -10.03 42.09 -14.34
C ILE A 146 -9.05 41.57 -13.31
N SER A 147 -9.48 41.60 -12.05
CA SER A 147 -8.78 40.98 -10.94
C SER A 147 -9.60 39.81 -10.42
N ARG A 148 -8.91 38.76 -9.97
CA ARG A 148 -9.57 37.66 -9.26
C ARG A 148 -10.61 36.91 -10.07
N ARG A 149 -10.18 36.01 -10.96
CA ARG A 149 -11.14 35.15 -11.66
C ARG A 149 -11.68 34.02 -10.79
N ILE A 150 -10.80 33.27 -10.10
CA ILE A 150 -11.22 32.13 -9.31
C ILE A 150 -10.97 32.41 -7.83
N THR A 151 -11.88 31.95 -6.98
CA THR A 151 -11.76 32.05 -5.53
C THR A 151 -11.61 30.65 -4.94
N MET A 152 -10.60 30.46 -4.09
CA MET A 152 -10.37 29.20 -3.41
C MET A 152 -10.21 29.47 -1.93
N ILE A 153 -11.16 28.95 -1.13
CA ILE A 153 -11.22 29.22 0.30
C ILE A 153 -11.02 27.89 1.04
N TYR A 154 -10.03 27.85 1.92
CA TYR A 154 -9.74 26.67 2.74
C TYR A 154 -10.06 27.00 4.19
N TYR A 155 -10.96 26.22 4.79
CA TYR A 155 -11.43 26.44 6.15
C TYR A 155 -10.68 25.51 7.11
N VAL A 156 -10.35 26.04 8.30
CA VAL A 156 -9.55 25.29 9.27
C VAL A 156 -10.22 25.29 10.65
N ASN A 157 -11.55 25.39 10.68
CA ASN A 157 -12.29 25.49 11.93
C ASN A 157 -12.58 24.09 12.45
N LYS A 158 -11.85 23.68 13.48
CA LYS A 158 -11.99 22.35 14.06
C LYS A 158 -13.22 22.28 14.94
N ASP A 159 -13.98 21.20 14.79
CA ASP A 159 -15.14 20.92 15.65
C ASP A 159 -16.17 22.04 15.56
N TRP A 160 -16.55 22.38 14.34
CA TRP A 160 -17.59 23.38 14.10
C TRP A 160 -18.95 22.73 14.19
N LYS A 161 -19.82 23.26 15.06
CA LYS A 161 -21.17 22.73 15.23
C LYS A 161 -22.16 23.58 14.44
N LYS A 162 -23.40 23.09 14.37
CA LYS A 162 -24.41 23.64 13.49
C LYS A 162 -25.02 24.95 14.01
N GLY A 163 -24.51 25.49 15.11
CA GLY A 163 -25.04 26.73 15.66
C GLY A 163 -24.00 27.81 15.85
N ASP A 164 -22.76 27.53 15.43
CA ASP A 164 -21.67 28.47 15.61
C ASP A 164 -21.69 29.62 14.63
N GLY A 165 -22.58 29.60 13.63
CA GLY A 165 -22.61 30.65 12.66
C GLY A 165 -21.33 30.68 11.82
N GLY A 166 -21.06 31.86 11.28
CA GLY A 166 -19.88 32.05 10.46
C GLY A 166 -19.93 31.35 9.12
N GLU A 167 -21.11 30.89 8.70
CA GLU A 167 -21.22 30.21 7.42
C GLU A 167 -21.04 31.19 6.27
N LEU A 168 -20.66 30.65 5.11
CA LEU A 168 -20.58 31.41 3.87
C LEU A 168 -21.89 31.19 3.12
N ARG A 169 -22.69 32.26 2.99
CA ARG A 169 -23.93 32.21 2.25
C ARG A 169 -23.63 32.49 0.78
N LEU A 170 -23.66 31.45 -0.05
CA LEU A 170 -23.31 31.55 -1.46
C LEU A 170 -24.58 31.62 -2.28
N TYR A 171 -24.79 32.76 -2.95
CA TYR A 171 -26.00 32.97 -3.75
C TYR A 171 -25.80 32.36 -5.14
N THR A 172 -26.62 31.35 -5.46
CA THR A 172 -26.50 30.63 -6.73
C THR A 172 -27.18 31.43 -7.82
N ASN A 173 -26.43 32.33 -8.44
CA ASN A 173 -26.89 33.11 -9.59
C ASN A 173 -25.66 33.32 -10.47
N ASN A 174 -25.46 32.43 -11.44
CA ASN A 174 -24.25 32.37 -12.25
C ASN A 174 -24.55 32.71 -13.70
N PRO A 175 -24.39 33.97 -14.12
CA PRO A 175 -24.53 34.34 -15.53
C PRO A 175 -23.69 33.47 -16.46
N GLU A 188 -31.73 32.59 -4.91
CA GLU A 188 -31.55 31.40 -4.09
C GLU A 188 -30.08 31.28 -3.66
N PHE A 189 -29.87 30.73 -2.47
CA PHE A 189 -28.54 30.61 -1.89
C PHE A 189 -28.40 29.25 -1.22
N ILE A 190 -27.18 28.96 -0.77
CA ILE A 190 -26.87 27.74 -0.03
C ILE A 190 -25.84 28.09 1.03
N ASP A 191 -26.08 27.66 2.27
CA ASP A 191 -25.21 27.97 3.39
C ASP A 191 -24.14 26.90 3.51
N ILE A 192 -22.87 27.30 3.40
CA ILE A 192 -21.73 26.39 3.41
C ILE A 192 -21.07 26.47 4.78
N GLU A 193 -21.02 25.35 5.48
CA GLU A 193 -20.40 25.32 6.80
C GLU A 193 -18.88 25.45 6.65
N PRO A 194 -18.22 26.31 7.46
CA PRO A 194 -16.77 26.50 7.35
C PRO A 194 -15.97 25.44 8.09
N ILE A 195 -16.29 24.16 7.83
CA ILE A 195 -15.67 23.07 8.57
C ILE A 195 -14.22 22.90 8.15
N ALA A 196 -13.41 22.37 9.05
CA ALA A 196 -11.98 22.21 8.78
C ALA A 196 -11.76 21.29 7.59
N ASP A 197 -10.66 21.55 6.87
CA ASP A 197 -10.22 20.78 5.72
C ASP A 197 -11.18 20.85 4.54
N ARG A 198 -12.13 21.80 4.56
CA ARG A 198 -13.04 21.98 3.44
C ARG A 198 -12.48 23.04 2.50
N LEU A 199 -12.43 22.73 1.22
CA LEU A 199 -11.98 23.65 0.18
C LEU A 199 -13.16 24.06 -0.67
N LEU A 200 -13.40 25.36 -0.79
CA LEU A 200 -14.47 25.90 -1.60
C LEU A 200 -13.88 26.62 -2.80
N ILE A 201 -14.34 26.26 -3.99
CA ILE A 201 -13.92 26.90 -5.24
C ILE A 201 -15.16 27.46 -5.92
N PHE A 202 -15.09 28.73 -6.33
CA PHE A 202 -16.17 29.32 -7.08
C PHE A 202 -15.64 30.44 -7.96
N LEU A 203 -16.43 30.82 -8.95
CA LEU A 203 -16.05 31.84 -9.91
C LEU A 203 -16.21 33.22 -9.28
N SER A 204 -15.11 33.97 -9.23
CA SER A 204 -15.12 35.25 -8.55
C SER A 204 -16.05 36.28 -9.18
N PRO A 205 -16.10 36.44 -10.50
CA PRO A 205 -16.91 37.53 -11.07
C PRO A 205 -18.42 37.33 -10.97
N PHE A 206 -18.89 36.14 -10.63
CA PHE A 206 -20.28 35.79 -10.82
C PHE A 206 -21.04 35.49 -9.54
N LEU A 207 -20.43 34.81 -8.58
CA LEU A 207 -21.15 34.33 -7.40
C LEU A 207 -21.06 35.35 -6.28
N GLU A 208 -22.19 35.95 -5.94
CA GLU A 208 -22.30 36.82 -4.78
C GLU A 208 -22.33 35.99 -3.51
N HIS A 209 -21.76 36.53 -2.44
CA HIS A 209 -21.65 35.77 -1.19
C HIS A 209 -21.45 36.73 -0.02
N GLU A 210 -21.68 36.19 1.17
CA GLU A 210 -21.52 36.94 2.41
C GLU A 210 -21.20 35.96 3.54
N VAL A 211 -20.49 36.46 4.54
CA VAL A 211 -20.15 35.69 5.73
C VAL A 211 -21.19 36.00 6.80
N LEU A 212 -21.99 35.00 7.17
CA LEU A 212 -22.98 35.18 8.22
C LEU A 212 -22.29 35.38 9.57
N GLN A 213 -23.01 36.04 10.48
CA GLN A 213 -22.43 36.42 11.76
C GLN A 213 -21.79 35.23 12.45
N CYS A 214 -20.65 35.50 13.09
CA CYS A 214 -19.90 34.45 13.78
C CYS A 214 -20.34 34.35 15.23
N ASN A 215 -20.67 33.14 15.66
CA ASN A 215 -20.99 32.87 17.06
C ASN A 215 -19.90 32.08 17.77
N PHE A 216 -18.82 31.74 17.07
CA PHE A 216 -17.63 31.14 17.67
C PHE A 216 -16.43 31.99 17.29
N GLU A 217 -15.31 31.74 17.97
CA GLU A 217 -14.07 32.43 17.64
C GLU A 217 -12.90 31.53 18.00
N PRO A 218 -11.85 31.48 17.17
CA PRO A 218 -11.69 32.22 15.91
C PRO A 218 -12.16 31.43 14.69
N ARG A 219 -12.77 32.14 13.74
CA ARG A 219 -13.10 31.55 12.44
C ARG A 219 -11.92 31.83 11.51
N ILE A 220 -11.23 30.76 11.09
CA ILE A 220 -10.01 30.87 10.30
C ILE A 220 -10.30 30.38 8.89
N ALA A 221 -9.91 31.18 7.90
CA ALA A 221 -10.08 30.83 6.50
C ALA A 221 -8.90 31.37 5.72
N ILE A 222 -8.35 30.53 4.84
CA ILE A 222 -7.20 30.89 4.01
C ILE A 222 -7.69 30.89 2.56
N THR A 223 -7.61 32.05 1.92
CA THR A 223 -8.09 32.22 0.56
C THR A 223 -6.92 32.47 -0.39
N THR A 224 -6.99 31.85 -1.57
CA THR A 224 -6.08 32.13 -2.66
C THR A 224 -6.90 32.46 -3.90
N TRP A 225 -6.78 33.70 -4.37
CA TRP A 225 -7.43 34.11 -5.61
C TRP A 225 -6.48 33.88 -6.79
N ILE A 226 -7.02 33.37 -7.89
CA ILE A 226 -6.28 33.21 -9.13
C ILE A 226 -6.66 34.35 -10.05
N TYR A 227 -5.67 35.11 -10.50
CA TYR A 227 -5.90 36.21 -11.44
C TYR A 227 -5.79 35.72 -12.87
N SER B 1 -9.87 14.46 -4.43
CA SER B 1 -9.55 14.82 -3.05
C SER B 1 -8.63 13.77 -2.43
N MET B 2 -7.95 14.16 -1.35
CA MET B 2 -6.98 13.29 -0.70
C MET B 2 -7.64 12.22 0.17
N LYS B 3 -8.95 12.24 0.33
CA LYS B 3 -9.68 11.18 1.03
C LYS B 3 -9.99 10.10 0.02
N ILE B 4 -9.24 8.99 0.08
CA ILE B 4 -9.31 8.00 -0.99
C ILE B 4 -10.49 7.04 -0.82
N PHE B 5 -10.90 6.75 0.41
CA PHE B 5 -11.87 5.70 0.68
C PHE B 5 -13.24 6.33 0.94
N ASN B 6 -14.08 6.34 -0.08
CA ASN B 6 -15.48 6.71 0.03
C ASN B 6 -16.33 5.47 -0.15
N LYS B 7 -17.65 5.65 -0.10
CA LYS B 7 -18.56 4.51 -0.19
C LYS B 7 -18.35 3.73 -1.48
N GLU B 8 -18.16 4.43 -2.60
CA GLU B 8 -18.05 3.75 -3.88
C GLU B 8 -16.69 3.09 -4.07
N SER B 9 -15.61 3.77 -3.67
CA SER B 9 -14.27 3.19 -3.84
C SER B 9 -14.06 2.02 -2.89
N LEU B 10 -14.45 2.17 -1.63
CA LEU B 10 -14.43 1.03 -0.70
C LEU B 10 -15.23 -0.14 -1.28
N ASN B 11 -16.41 0.16 -1.84
CA ASN B 11 -17.25 -0.89 -2.39
C ASN B 11 -16.53 -1.67 -3.49
N GLN B 12 -15.79 -0.98 -4.35
CA GLN B 12 -15.04 -1.67 -5.39
C GLN B 12 -13.92 -2.52 -4.80
N LEU B 13 -13.14 -1.95 -3.88
CA LEU B 13 -12.04 -2.69 -3.29
C LEU B 13 -12.52 -3.95 -2.59
N GLU B 14 -13.65 -3.86 -1.89
CA GLU B 14 -14.18 -5.00 -1.15
C GLU B 14 -14.94 -5.98 -2.01
N LYS B 15 -15.29 -5.62 -3.25
CA LYS B 15 -15.95 -6.53 -4.19
C LYS B 15 -14.98 -7.08 -5.23
N LYS B 16 -14.21 -6.20 -5.88
CA LYS B 16 -13.25 -6.63 -6.89
C LYS B 16 -11.90 -7.00 -6.30
N GLY B 17 -11.55 -6.45 -5.14
CA GLY B 17 -10.28 -6.73 -4.51
C GLY B 17 -9.17 -5.75 -4.84
N TYR B 18 -9.43 -4.76 -5.69
CA TYR B 18 -8.41 -3.80 -6.07
C TYR B 18 -9.05 -2.44 -6.29
N LEU B 19 -8.21 -1.43 -6.44
CA LEU B 19 -8.66 -0.05 -6.61
C LEU B 19 -7.54 0.75 -7.25
N ILE B 20 -7.88 1.51 -8.29
CA ILE B 20 -6.91 2.29 -9.05
C ILE B 20 -7.20 3.77 -8.81
N ILE B 21 -6.20 4.49 -8.30
CA ILE B 21 -6.29 5.93 -8.13
C ILE B 21 -5.28 6.57 -9.08
N ASP B 22 -5.79 7.38 -10.01
CA ASP B 22 -4.95 8.09 -10.96
C ASP B 22 -4.73 9.52 -10.49
N ASN B 23 -3.60 10.10 -10.91
CA ASN B 23 -3.23 11.46 -10.52
C ASN B 23 -3.23 11.60 -8.99
N PHE B 24 -2.54 10.67 -8.33
CA PHE B 24 -2.53 10.64 -6.88
C PHE B 24 -2.02 11.95 -6.29
N LEU B 25 -0.80 12.34 -6.69
CA LEU B 25 -0.23 13.61 -6.24
C LEU B 25 -0.63 14.77 -7.14
N ASN B 26 -0.73 14.53 -8.45
CA ASN B 26 -1.04 15.59 -9.41
C ASN B 26 -0.07 16.74 -9.28
N ASP B 27 1.22 16.41 -9.12
CA ASP B 27 2.29 17.39 -8.93
C ASP B 27 3.42 16.97 -9.87
N LEU B 28 3.43 17.54 -11.07
CA LEU B 28 4.41 17.13 -12.09
C LEU B 28 5.83 17.26 -11.57
N ASN B 29 6.19 18.42 -11.03
CA ASN B 29 7.55 18.64 -10.57
C ASN B 29 7.95 17.63 -9.51
N LYS B 30 7.03 17.29 -8.61
CA LYS B 30 7.33 16.30 -7.59
C LYS B 30 7.45 14.90 -8.19
N ILE B 31 6.67 14.60 -9.23
CA ILE B 31 6.77 13.33 -9.91
C ILE B 31 8.13 13.20 -10.59
N ASN B 32 8.62 14.31 -11.16
CA ASN B 32 9.93 14.29 -11.80
C ASN B 32 11.04 14.08 -10.77
N LEU B 33 10.89 14.65 -9.57
CA LEU B 33 11.90 14.46 -8.54
C LEU B 33 11.89 13.03 -8.01
N ILE B 34 10.70 12.47 -7.77
CA ILE B 34 10.60 11.08 -7.35
C ILE B 34 11.24 10.18 -8.39
N TYR B 35 11.08 10.52 -9.68
CA TYR B 35 11.72 9.74 -10.74
C TYR B 35 13.23 9.84 -10.65
N ASP B 36 13.76 11.06 -10.58
CA ASP B 36 15.21 11.25 -10.55
C ASP B 36 15.83 10.56 -9.34
N GLU B 37 15.24 10.74 -8.16
CA GLU B 37 15.78 10.11 -6.96
C GLU B 37 15.79 8.60 -7.09
N SER B 38 14.67 8.02 -7.53
CA SER B 38 14.60 6.57 -7.70
C SER B 38 15.65 6.08 -8.68
N TYR B 39 15.76 6.73 -9.84
CA TYR B 39 16.74 6.32 -10.83
C TYR B 39 18.16 6.48 -10.28
N ASN B 40 18.40 7.55 -9.53
CA ASN B 40 19.73 7.77 -8.96
C ASN B 40 20.11 6.67 -7.98
N GLN B 41 19.16 6.22 -7.16
CA GLN B 41 19.43 5.10 -6.26
C GLN B 41 19.88 3.87 -7.04
N PHE B 42 19.34 3.67 -8.24
CA PHE B 42 19.77 2.54 -9.06
C PHE B 42 21.15 2.80 -9.65
N LYS B 43 21.38 4.00 -10.20
CA LYS B 43 22.67 4.32 -10.79
C LYS B 43 23.79 4.29 -9.75
N GLU B 44 23.46 4.55 -8.48
CA GLU B 44 24.45 4.62 -7.42
C GLU B 44 24.63 3.31 -6.69
N ASN B 45 24.18 2.20 -7.27
CA ASN B 45 24.35 0.87 -6.68
C ASN B 45 23.73 0.79 -5.28
N LYS B 46 22.65 1.52 -5.05
CA LYS B 46 21.92 1.44 -3.79
C LYS B 46 20.84 0.37 -3.82
N LEU B 47 20.51 -0.18 -4.98
CA LEU B 47 19.57 -1.28 -5.11
C LEU B 47 20.34 -2.60 -5.22
N ILE B 48 19.63 -3.69 -4.95
CA ILE B 48 20.20 -5.03 -5.02
C ILE B 48 19.41 -5.85 -6.03
N GLU B 49 20.12 -6.70 -6.76
CA GLU B 49 19.49 -7.62 -7.71
C GLU B 49 18.57 -8.58 -6.97
N ALA B 50 17.26 -8.46 -7.19
CA ALA B 50 16.28 -9.23 -6.42
C ALA B 50 16.60 -10.71 -6.44
N GLY B 51 16.70 -11.28 -7.65
CA GLY B 51 17.10 -12.67 -7.83
C GLY B 51 18.51 -12.73 -8.38
N MET B 52 19.32 -13.61 -7.78
CA MET B 52 20.71 -13.74 -8.17
C MET B 52 20.85 -14.60 -9.41
N ASN B 53 21.85 -14.28 -10.23
CA ASN B 53 22.15 -14.99 -11.46
C ASN B 53 23.55 -15.58 -11.41
N LYS B 54 23.93 -16.12 -10.25
CA LYS B 54 25.26 -16.67 -10.09
C LYS B 54 25.47 -17.89 -10.96
N GLY B 55 26.67 -18.01 -11.53
CA GLY B 55 27.00 -19.17 -12.33
C GLY B 55 27.07 -20.45 -11.53
N THR B 56 27.36 -20.36 -10.23
CA THR B 56 27.44 -21.54 -9.39
C THR B 56 26.08 -22.15 -9.12
N ASP B 57 25.00 -21.38 -9.26
CA ASP B 57 23.66 -21.85 -8.95
C ASP B 57 23.00 -22.38 -10.22
N LYS B 58 22.68 -23.68 -10.21
CA LYS B 58 22.02 -24.29 -11.35
C LYS B 58 20.60 -23.73 -11.52
N TRP B 59 19.84 -23.68 -10.43
CA TRP B 59 18.52 -23.06 -10.42
C TRP B 59 18.68 -21.64 -9.88
N LYS B 60 18.46 -20.65 -10.74
CA LYS B 60 18.65 -19.24 -10.39
C LYS B 60 17.28 -18.57 -10.26
N ASP B 61 17.09 -17.86 -9.16
CA ASP B 61 15.83 -17.15 -8.92
C ASP B 61 15.73 -15.87 -9.73
N LYS B 62 16.69 -15.59 -10.62
CA LYS B 62 16.50 -14.53 -11.61
C LYS B 62 15.28 -14.81 -12.47
N SER B 63 15.00 -16.08 -12.75
CA SER B 63 13.86 -16.45 -13.58
C SER B 63 12.54 -16.04 -12.96
N ILE B 64 12.50 -15.81 -11.65
CA ILE B 64 11.26 -15.41 -10.99
C ILE B 64 11.02 -13.92 -11.16
N ARG B 65 12.04 -13.10 -10.87
CA ARG B 65 11.93 -11.65 -11.00
C ARG B 65 13.29 -11.11 -11.44
N GLY B 66 13.26 -10.13 -12.33
CA GLY B 66 14.47 -9.56 -12.87
C GLY B 66 14.67 -8.10 -12.52
N ASP B 67 14.09 -7.67 -11.40
CA ASP B 67 14.15 -6.27 -10.98
C ASP B 67 15.22 -6.09 -9.89
N TYR B 68 15.53 -4.82 -9.64
CA TYR B 68 16.49 -4.42 -8.61
C TYR B 68 15.75 -3.58 -7.58
N ILE B 69 15.91 -3.93 -6.29
CA ILE B 69 15.05 -3.39 -5.25
C ILE B 69 15.88 -2.81 -4.11
N GLN B 70 15.21 -2.00 -3.30
CA GLN B 70 15.77 -1.47 -2.05
C GLN B 70 14.64 -1.42 -1.04
N TRP B 71 14.91 -1.92 0.17
CA TRP B 71 13.94 -1.89 1.26
C TRP B 71 14.16 -0.63 2.08
N ILE B 72 13.14 0.24 2.12
CA ILE B 72 13.20 1.51 2.82
C ILE B 72 12.51 1.33 4.16
N HIS B 73 13.25 1.57 5.25
CA HIS B 73 12.79 1.31 6.59
C HIS B 73 12.22 2.57 7.23
N ARG B 74 11.09 2.43 7.92
CA ARG B 74 10.39 3.54 8.55
C ARG B 74 9.84 3.07 9.89
N ASP B 75 10.61 3.31 10.95
CA ASP B 75 10.21 2.97 12.32
C ASP B 75 10.43 4.22 13.17
N SER B 76 9.35 4.95 13.45
CA SER B 76 9.43 6.20 14.19
C SER B 76 10.46 7.14 13.58
N SER B 86 17.65 15.45 7.23
CA SER B 86 18.54 15.33 6.07
C SER B 86 18.34 14.00 5.36
N SER B 87 18.26 14.05 4.04
CA SER B 87 18.09 12.83 3.25
C SER B 87 18.45 13.13 1.80
N THR B 88 18.78 12.07 1.07
CA THR B 88 19.07 12.13 -0.35
C THR B 88 17.88 11.72 -1.20
N ILE B 89 16.78 11.26 -0.58
CA ILE B 89 15.61 10.78 -1.29
C ILE B 89 14.37 11.52 -0.76
N ARG B 90 14.58 12.78 -0.35
CA ARG B 90 13.52 13.58 0.26
C ARG B 90 12.17 13.42 -0.41
N ASN B 91 12.13 13.48 -1.74
CA ASN B 91 10.85 13.44 -2.44
C ASN B 91 10.24 12.05 -2.39
N ILE B 92 11.05 10.99 -2.41
CA ILE B 92 10.52 9.65 -2.20
C ILE B 92 9.87 9.55 -0.83
N ASN B 93 10.51 10.12 0.19
CA ASN B 93 9.94 10.09 1.53
C ASN B 93 8.60 10.83 1.58
N TYR B 94 8.47 11.92 0.82
CA TYR B 94 7.20 12.63 0.77
C TYR B 94 6.08 11.71 0.32
N LEU B 95 6.31 10.96 -0.77
CA LEU B 95 5.32 10.00 -1.23
C LEU B 95 4.99 9.00 -0.13
N LEU B 96 6.02 8.42 0.50
CA LEU B 96 5.78 7.44 1.56
C LEU B 96 4.96 8.03 2.70
N ASP B 97 5.07 9.35 2.92
CA ASP B 97 4.21 9.99 3.91
C ASP B 97 2.75 9.99 3.43
N LYS B 98 2.52 10.24 2.14
CA LYS B 98 1.16 10.20 1.63
C LYS B 98 0.58 8.80 1.72
N LEU B 99 1.39 7.78 1.40
CA LEU B 99 0.94 6.41 1.55
C LEU B 99 0.67 6.09 3.02
N ASP B 100 1.43 6.68 3.94
CA ASP B 100 1.16 6.51 5.35
C ASP B 100 -0.17 7.13 5.74
N LEU B 101 -0.51 8.26 5.11
CA LEU B 101 -1.83 8.86 5.35
C LEU B 101 -2.94 7.93 4.90
N ILE B 102 -2.76 7.25 3.75
CA ILE B 102 -3.76 6.31 3.27
C ILE B 102 -3.93 5.18 4.27
N LYS B 103 -2.83 4.72 4.87
CA LYS B 103 -2.90 3.70 5.89
C LYS B 103 -3.72 4.18 7.08
N ASN B 104 -3.46 5.41 7.54
CA ASN B 104 -4.24 5.98 8.63
C ASN B 104 -5.73 5.99 8.29
N GLU B 105 -6.06 6.43 7.07
CA GLU B 105 -7.46 6.47 6.67
C GLU B 105 -8.07 5.08 6.67
N PHE B 106 -7.29 4.07 6.25
CA PHE B 106 -7.79 2.70 6.24
C PHE B 106 -8.08 2.20 7.65
N ASP B 107 -7.20 2.53 8.60
CA ASP B 107 -7.45 2.17 9.99
C ASP B 107 -8.69 2.87 10.53
N ASN B 108 -8.95 4.10 10.08
CA ASN B 108 -10.12 4.84 10.56
C ASN B 108 -11.39 4.29 9.92
N VAL B 109 -11.39 4.13 8.60
CA VAL B 109 -12.61 3.71 7.91
C VAL B 109 -12.94 2.26 8.22
N ILE B 110 -11.94 1.44 8.51
CA ILE B 110 -12.15 0.05 8.91
C ILE B 110 -11.56 -0.12 10.30
N PRO B 111 -12.29 0.26 11.36
CA PRO B 111 -11.67 0.35 12.69
C PRO B 111 -11.05 -0.95 13.18
N ASN B 112 -11.53 -2.11 12.72
CA ASN B 112 -10.99 -3.38 13.19
C ASN B 112 -9.83 -3.89 12.35
N PHE B 113 -9.36 -3.11 11.36
CA PHE B 113 -8.22 -3.55 10.56
C PHE B 113 -6.95 -3.59 11.41
N ASN B 114 -6.64 -2.49 12.09
CA ASN B 114 -5.54 -2.43 13.05
C ASN B 114 -4.21 -2.81 12.38
N SER B 115 -3.79 -1.94 11.46
CA SER B 115 -2.52 -2.13 10.78
C SER B 115 -1.41 -2.42 11.79
N ILE B 116 -0.58 -3.40 11.46
CA ILE B 116 0.50 -3.83 12.34
C ILE B 116 1.74 -2.99 12.06
N LYS B 117 2.18 -3.00 10.81
CA LYS B 117 3.36 -2.26 10.39
C LYS B 117 3.26 -2.02 8.89
N THR B 118 4.28 -1.37 8.34
CA THR B 118 4.37 -1.17 6.90
C THR B 118 5.76 -1.57 6.43
N GLN B 119 5.85 -1.93 5.16
CA GLN B 119 7.10 -2.36 4.53
C GLN B 119 7.15 -1.77 3.13
N THR B 120 8.24 -1.07 2.82
CA THR B 120 8.35 -0.30 1.59
C THR B 120 9.44 -0.89 0.71
N GLN B 121 9.11 -1.07 -0.57
CA GLN B 121 10.04 -1.58 -1.57
C GLN B 121 10.12 -0.59 -2.72
N LEU B 122 11.33 -0.14 -3.03
CA LEU B 122 11.61 0.64 -4.23
C LEU B 122 12.21 -0.30 -5.27
N ALA B 123 11.52 -0.45 -6.40
CA ALA B 123 11.88 -1.43 -7.42
C ALA B 123 12.13 -0.76 -8.75
N VAL B 124 13.10 -1.30 -9.49
CA VAL B 124 13.46 -0.80 -10.82
C VAL B 124 13.64 -2.00 -11.74
N TYR B 125 12.86 -2.04 -12.82
CA TYR B 125 13.04 -3.02 -13.88
C TYR B 125 13.80 -2.39 -15.04
N LEU B 126 14.58 -3.21 -15.74
CA LEU B 126 15.26 -2.80 -16.96
C LEU B 126 14.62 -3.52 -18.14
N ASN B 127 15.07 -3.16 -19.35
CA ASN B 127 14.48 -3.71 -20.56
C ASN B 127 14.52 -5.22 -20.53
N GLY B 128 13.35 -5.84 -20.72
CA GLY B 128 13.22 -7.28 -20.69
C GLY B 128 12.86 -7.86 -19.34
N GLY B 129 12.96 -7.09 -18.26
CA GLY B 129 12.65 -7.62 -16.96
C GLY B 129 11.19 -8.00 -16.83
N ARG B 130 10.91 -8.92 -15.91
CA ARG B 130 9.54 -9.40 -15.68
C ARG B 130 9.46 -9.97 -14.28
N TYR B 131 8.24 -10.39 -13.90
CA TYR B 131 7.98 -10.98 -12.59
C TYR B 131 6.83 -11.96 -12.77
N ILE B 132 7.10 -13.25 -12.60
CA ILE B 132 6.11 -14.28 -12.92
C ILE B 132 4.91 -14.15 -11.99
N LYS B 133 3.81 -14.81 -12.34
CA LYS B 133 2.61 -14.78 -11.53
C LYS B 133 2.92 -15.22 -10.10
N HIS B 134 2.39 -14.47 -9.13
CA HIS B 134 2.72 -14.70 -7.73
C HIS B 134 1.71 -13.98 -6.85
N ARG B 135 1.81 -14.24 -5.55
CA ARG B 135 1.10 -13.47 -4.53
C ARG B 135 2.12 -12.89 -3.56
N ASP B 136 1.81 -11.69 -3.05
CA ASP B 136 2.75 -11.00 -2.18
C ASP B 136 2.75 -11.58 -0.77
N SER B 137 1.62 -12.15 -0.33
CA SER B 137 1.50 -12.61 1.05
C SER B 137 2.22 -13.94 1.25
N PHE B 138 2.56 -14.21 2.50
CA PHE B 138 3.24 -15.45 2.87
C PHE B 138 2.97 -15.72 4.34
N TYR B 139 3.24 -16.96 4.75
CA TYR B 139 3.11 -17.38 6.14
C TYR B 139 4.50 -17.72 6.68
N SER B 140 4.94 -16.97 7.68
CA SER B 140 6.25 -17.20 8.29
C SER B 140 6.13 -17.09 9.80
N SER B 141 7.14 -17.62 10.49
CA SER B 141 7.11 -17.68 11.95
C SER B 141 7.11 -16.30 12.60
N GLU B 142 7.55 -15.26 11.89
CA GLU B 142 7.65 -13.95 12.50
C GLU B 142 6.29 -13.41 12.93
N SER B 143 5.24 -13.76 12.19
CA SER B 143 3.89 -13.28 12.48
C SER B 143 2.93 -14.45 12.53
N LEU B 144 2.13 -14.51 13.60
CA LEU B 144 1.15 -15.59 13.75
C LEU B 144 0.00 -15.48 12.77
N THR B 145 -0.14 -14.36 12.07
CA THR B 145 -1.12 -14.19 11.01
C THR B 145 -0.40 -14.07 9.67
N ILE B 146 -1.19 -14.14 8.60
CA ILE B 146 -0.62 -13.98 7.27
C ILE B 146 0.06 -12.62 7.18
N SER B 147 1.21 -12.58 6.51
CA SER B 147 1.93 -11.34 6.30
C SER B 147 1.36 -10.58 5.11
N ARG B 148 1.49 -9.26 5.15
CA ARG B 148 1.13 -8.42 4.01
C ARG B 148 -0.34 -8.49 3.62
N ARG B 149 -1.22 -7.81 4.37
CA ARG B 149 -2.63 -7.79 4.00
C ARG B 149 -2.93 -6.90 2.79
N ILE B 150 -2.39 -5.69 2.74
CA ILE B 150 -2.69 -4.74 1.67
C ILE B 150 -1.43 -4.42 0.89
N THR B 151 -1.58 -4.26 -0.43
CA THR B 151 -0.50 -3.87 -1.33
C THR B 151 -0.85 -2.54 -1.98
N MET B 152 0.05 -1.56 -1.83
CA MET B 152 -0.12 -0.25 -2.47
C MET B 152 1.13 0.02 -3.31
N ILE B 153 0.93 0.16 -4.63
CA ILE B 153 2.02 0.37 -5.56
C ILE B 153 1.84 1.73 -6.23
N TYR B 154 2.92 2.52 -6.27
CA TYR B 154 2.92 3.84 -6.88
C TYR B 154 3.89 3.82 -8.06
N TYR B 155 3.40 4.17 -9.24
CA TYR B 155 4.19 4.13 -10.47
C TYR B 155 4.67 5.52 -10.85
N VAL B 156 5.89 5.60 -11.37
CA VAL B 156 6.53 6.88 -11.65
C VAL B 156 7.06 6.89 -13.09
N ASN B 157 6.43 6.13 -13.97
CA ASN B 157 6.91 5.98 -15.35
C ASN B 157 6.37 7.12 -16.18
N LYS B 158 7.22 8.12 -16.42
CA LYS B 158 6.81 9.29 -17.19
C LYS B 158 6.69 8.95 -18.66
N ASP B 159 5.62 9.44 -19.29
CA ASP B 159 5.42 9.30 -20.73
C ASP B 159 5.41 7.83 -21.16
N TRP B 160 4.73 7.00 -20.37
CA TRP B 160 4.56 5.60 -20.74
C TRP B 160 3.55 5.50 -21.88
N LYS B 161 3.96 4.86 -22.97
CA LYS B 161 3.12 4.69 -24.15
C LYS B 161 2.76 3.22 -24.33
N LYS B 162 1.57 2.98 -24.88
CA LYS B 162 1.17 1.62 -25.22
C LYS B 162 2.23 0.97 -26.09
N GLY B 163 2.45 -0.33 -25.85
CA GLY B 163 3.54 -1.04 -26.48
C GLY B 163 4.84 -1.01 -25.71
N ASP B 164 4.97 -0.13 -24.71
CA ASP B 164 6.15 -0.11 -23.87
C ASP B 164 6.23 -1.33 -22.97
N GLY B 165 5.13 -2.06 -22.79
CA GLY B 165 5.14 -3.20 -21.91
C GLY B 165 5.29 -2.78 -20.45
N GLY B 166 5.51 -3.79 -19.61
CA GLY B 166 5.66 -3.57 -18.19
C GLY B 166 4.37 -3.45 -17.42
N GLU B 167 3.23 -3.80 -18.01
CA GLU B 167 1.97 -3.72 -17.31
C GLU B 167 1.93 -4.71 -16.15
N LEU B 168 1.08 -4.41 -15.17
CA LEU B 168 0.80 -5.32 -14.07
C LEU B 168 -0.47 -6.09 -14.42
N ARG B 169 -0.31 -7.34 -14.83
CA ARG B 169 -1.44 -8.20 -15.16
C ARG B 169 -2.06 -8.69 -13.85
N LEU B 170 -3.28 -8.25 -13.58
CA LEU B 170 -3.96 -8.55 -12.31
C LEU B 170 -5.05 -9.58 -12.59
N TYR B 171 -4.86 -10.79 -12.07
CA TYR B 171 -5.84 -11.86 -12.26
C TYR B 171 -6.95 -11.72 -11.24
N THR B 172 -8.19 -11.71 -11.72
CA THR B 172 -9.36 -11.44 -10.90
C THR B 172 -10.03 -12.76 -10.51
N ASN B 173 -10.07 -13.03 -9.20
CA ASN B 173 -10.77 -14.20 -8.70
C ASN B 173 -10.96 -14.11 -7.20
N ASN B 174 -12.20 -14.24 -6.73
CA ASN B 174 -12.49 -14.25 -5.30
C ASN B 174 -11.78 -15.41 -4.60
N GLU B 188 -9.18 -14.90 -16.24
CA GLU B 188 -9.77 -13.57 -16.17
C GLU B 188 -8.80 -12.59 -15.51
N PHE B 189 -8.35 -11.61 -16.27
CA PHE B 189 -7.33 -10.68 -15.78
C PHE B 189 -7.55 -9.31 -16.42
N ILE B 190 -6.82 -8.33 -15.91
CA ILE B 190 -6.83 -6.97 -16.46
C ILE B 190 -5.40 -6.46 -16.44
N ASP B 191 -4.93 -5.93 -17.56
CA ASP B 191 -3.59 -5.37 -17.67
C ASP B 191 -3.64 -3.91 -17.26
N ILE B 192 -2.97 -3.58 -16.15
CA ILE B 192 -2.96 -2.23 -15.59
C ILE B 192 -1.71 -1.53 -16.07
N GLU B 193 -1.88 -0.43 -16.80
CA GLU B 193 -0.74 0.31 -17.32
C GLU B 193 -0.01 0.99 -16.17
N PRO B 194 1.34 0.93 -16.12
CA PRO B 194 2.08 1.50 -15.00
C PRO B 194 2.41 2.98 -15.19
N ILE B 195 1.39 3.77 -15.53
CA ILE B 195 1.59 5.18 -15.83
C ILE B 195 1.97 5.93 -14.55
N ALA B 196 2.67 7.05 -14.73
CA ALA B 196 3.15 7.82 -13.58
C ALA B 196 1.99 8.38 -12.78
N ASP B 197 2.22 8.54 -11.48
CA ASP B 197 1.27 9.10 -10.52
C ASP B 197 0.07 8.19 -10.29
N ARG B 198 0.08 6.96 -10.80
CA ARG B 198 -1.00 6.02 -10.60
C ARG B 198 -0.73 5.19 -9.35
N LEU B 199 -1.69 5.15 -8.43
CA LEU B 199 -1.60 4.38 -7.20
C LEU B 199 -2.54 3.19 -7.31
N LEU B 200 -1.99 1.98 -7.24
CA LEU B 200 -2.77 0.75 -7.29
C LEU B 200 -2.84 0.14 -5.91
N ILE B 201 -4.04 -0.26 -5.51
CA ILE B 201 -4.27 -0.87 -4.20
C ILE B 201 -5.03 -2.18 -4.43
N PHE B 202 -4.53 -3.27 -3.87
CA PHE B 202 -5.22 -4.55 -3.97
C PHE B 202 -4.93 -5.38 -2.72
N LEU B 203 -5.71 -6.44 -2.56
CA LEU B 203 -5.63 -7.31 -1.40
C LEU B 203 -4.52 -8.33 -1.63
N SER B 204 -3.48 -8.26 -0.82
CA SER B 204 -2.30 -9.09 -1.07
C SER B 204 -2.59 -10.59 -0.97
N PRO B 205 -3.34 -11.08 0.02
CA PRO B 205 -3.46 -12.54 0.18
C PRO B 205 -4.14 -13.24 -0.99
N PHE B 206 -4.91 -12.53 -1.80
CA PHE B 206 -5.87 -13.19 -2.69
C PHE B 206 -5.65 -12.97 -4.17
N LEU B 207 -5.09 -11.83 -4.59
CA LEU B 207 -4.98 -11.50 -6.00
C LEU B 207 -3.61 -11.90 -6.53
N GLU B 208 -3.58 -12.79 -7.51
CA GLU B 208 -2.37 -13.12 -8.23
C GLU B 208 -2.08 -12.04 -9.27
N HIS B 209 -0.80 -11.88 -9.60
CA HIS B 209 -0.41 -10.83 -10.52
C HIS B 209 1.02 -11.08 -11.01
N GLU B 210 1.32 -10.52 -12.17
CA GLU B 210 2.65 -10.61 -12.76
C GLU B 210 2.95 -9.31 -13.50
N VAL B 211 4.24 -9.03 -13.63
CA VAL B 211 4.71 -7.86 -14.38
C VAL B 211 5.11 -8.33 -15.77
N LEU B 212 4.39 -7.86 -16.78
CA LEU B 212 4.70 -8.23 -18.15
C LEU B 212 6.06 -7.67 -18.57
N GLN B 213 6.64 -8.30 -19.58
CA GLN B 213 7.99 -7.93 -20.02
C GLN B 213 8.08 -6.45 -20.34
N CYS B 214 9.12 -5.80 -19.83
CA CYS B 214 9.31 -4.37 -20.04
C CYS B 214 10.05 -4.13 -21.36
N ASN B 215 9.39 -3.42 -22.27
CA ASN B 215 10.03 -2.98 -23.50
C ASN B 215 10.63 -1.58 -23.37
N PHE B 216 10.81 -1.11 -22.13
CA PHE B 216 11.41 0.19 -21.87
C PHE B 216 12.17 0.10 -20.55
N GLU B 217 12.91 1.16 -20.24
CA GLU B 217 13.62 1.22 -18.97
C GLU B 217 14.00 2.67 -18.69
N PRO B 218 14.09 3.07 -17.42
CA PRO B 218 13.76 2.26 -16.24
C PRO B 218 12.26 2.24 -15.93
N ARG B 219 11.77 1.09 -15.45
CA ARG B 219 10.38 0.96 -15.02
C ARG B 219 10.36 1.00 -13.49
N ILE B 220 9.92 2.13 -12.94
CA ILE B 220 10.07 2.43 -11.53
C ILE B 220 8.72 2.31 -10.84
N ALA B 221 8.72 1.66 -9.68
CA ALA B 221 7.51 1.53 -8.88
C ALA B 221 7.91 1.47 -7.41
N ILE B 222 7.15 2.19 -6.57
CA ILE B 222 7.38 2.22 -5.13
C ILE B 222 6.18 1.55 -4.46
N THR B 223 6.46 0.48 -3.70
CA THR B 223 5.43 -0.31 -3.06
C THR B 223 5.48 -0.13 -1.56
N THR B 224 4.31 -0.05 -0.93
CA THR B 224 4.17 -0.06 0.52
C THR B 224 3.15 -1.12 0.90
N TRP B 225 3.58 -2.14 1.63
CA TRP B 225 2.68 -3.15 2.14
C TRP B 225 2.21 -2.78 3.55
N ILE B 226 0.95 -3.11 3.84
CA ILE B 226 0.36 -2.91 5.16
C ILE B 226 0.13 -4.29 5.76
N TYR B 227 0.79 -4.56 6.88
CA TYR B 227 0.66 -5.85 7.55
C TYR B 227 -0.55 -5.88 8.47
N SER C 1 20.38 -46.43 2.57
CA SER C 1 21.49 -45.63 3.10
C SER C 1 21.01 -44.27 3.55
N MET C 2 21.67 -43.72 4.57
CA MET C 2 21.28 -42.44 5.15
C MET C 2 21.80 -41.24 4.38
N LYS C 3 22.57 -41.45 3.32
CA LYS C 3 23.09 -40.36 2.48
C LYS C 3 22.13 -40.19 1.30
N ILE C 4 21.42 -39.07 1.28
CA ILE C 4 20.36 -38.87 0.30
C ILE C 4 20.94 -38.57 -1.07
N PHE C 5 21.98 -37.73 -1.12
CA PHE C 5 22.42 -37.12 -2.37
C PHE C 5 23.56 -37.92 -2.99
N ASN C 6 23.19 -38.98 -3.70
CA ASN C 6 24.12 -39.71 -4.53
C ASN C 6 24.13 -39.09 -5.93
N LYS C 7 24.85 -39.72 -6.85
CA LYS C 7 24.91 -39.23 -8.23
C LYS C 7 23.52 -39.13 -8.83
N GLU C 8 22.74 -40.22 -8.76
CA GLU C 8 21.44 -40.26 -9.43
C GLU C 8 20.45 -39.32 -8.76
N SER C 9 20.39 -39.31 -7.42
CA SER C 9 19.39 -38.51 -6.73
C SER C 9 19.62 -37.02 -6.97
N LEU C 10 20.87 -36.57 -6.93
CA LEU C 10 21.15 -35.17 -7.21
C LEU C 10 20.66 -34.78 -8.59
N ASN C 11 20.92 -35.63 -9.60
CA ASN C 11 20.47 -35.34 -10.95
C ASN C 11 18.96 -35.20 -11.01
N GLN C 12 18.24 -36.04 -10.26
CA GLN C 12 16.78 -35.93 -10.20
C GLN C 12 16.37 -34.60 -9.57
N LEU C 13 16.97 -34.25 -8.43
CA LEU C 13 16.66 -32.98 -7.78
C LEU C 13 17.01 -31.80 -8.69
N GLU C 14 18.18 -31.85 -9.31
CA GLU C 14 18.63 -30.72 -10.13
C GLU C 14 17.80 -30.57 -11.40
N LYS C 15 17.23 -31.66 -11.90
CA LYS C 15 16.50 -31.64 -13.17
C LYS C 15 15.00 -31.56 -13.01
N LYS C 16 14.42 -32.33 -12.09
CA LYS C 16 12.97 -32.33 -11.89
C LYS C 16 12.53 -31.35 -10.82
N GLY C 17 13.39 -31.04 -9.85
CA GLY C 17 13.07 -30.11 -8.79
C GLY C 17 12.47 -30.72 -7.54
N TYR C 18 12.33 -32.04 -7.49
CA TYR C 18 11.75 -32.68 -6.32
C TYR C 18 12.44 -34.02 -6.11
N LEU C 19 12.24 -34.59 -4.92
CA LEU C 19 12.83 -35.87 -4.56
C LEU C 19 11.99 -36.51 -3.47
N ILE C 20 11.57 -37.75 -3.69
CA ILE C 20 10.73 -38.48 -2.76
C ILE C 20 11.59 -39.57 -2.11
N ILE C 21 11.62 -39.57 -0.78
CA ILE C 21 12.41 -40.53 -0.01
C ILE C 21 11.44 -41.29 0.91
N ASP C 22 11.16 -42.54 0.56
CA ASP C 22 10.27 -43.38 1.34
C ASP C 22 11.05 -44.11 2.42
N ASN C 23 10.34 -44.42 3.51
CA ASN C 23 10.94 -45.11 4.66
C ASN C 23 12.16 -44.36 5.17
N PHE C 24 11.93 -43.08 5.53
CA PHE C 24 13.03 -42.21 5.91
C PHE C 24 13.61 -42.60 7.26
N LEU C 25 12.77 -42.86 8.25
CA LEU C 25 13.24 -43.39 9.51
C LEU C 25 13.18 -44.91 9.55
N ASN C 26 12.18 -45.50 8.89
CA ASN C 26 12.01 -46.96 8.87
C ASN C 26 11.96 -47.54 10.28
N ASP C 27 11.53 -46.71 11.24
CA ASP C 27 11.40 -47.12 12.64
C ASP C 27 9.94 -46.91 13.04
N LEU C 28 9.23 -48.01 13.30
CA LEU C 28 7.81 -47.94 13.55
C LEU C 28 7.50 -47.25 14.87
N ASN C 29 8.19 -47.65 15.95
CA ASN C 29 7.89 -47.07 17.26
C ASN C 29 8.12 -45.56 17.25
N LYS C 30 9.22 -45.11 16.66
CA LYS C 30 9.45 -43.67 16.53
C LYS C 30 8.33 -43.01 15.74
N ILE C 31 7.95 -43.61 14.60
CA ILE C 31 6.86 -43.06 13.80
C ILE C 31 5.60 -42.91 14.63
N ASN C 32 5.18 -43.98 15.30
CA ASN C 32 3.99 -43.92 16.14
C ASN C 32 4.13 -42.85 17.22
N LEU C 33 5.34 -42.64 17.74
CA LEU C 33 5.54 -41.63 18.77
C LEU C 33 5.47 -40.22 18.20
N ILE C 34 6.05 -40.01 17.01
CA ILE C 34 5.98 -38.69 16.39
C ILE C 34 4.53 -38.33 16.09
N TYR C 35 3.76 -39.30 15.59
CA TYR C 35 2.32 -39.08 15.38
C TYR C 35 1.66 -38.66 16.68
N ASP C 36 1.89 -39.41 17.76
CA ASP C 36 1.26 -39.10 19.04
C ASP C 36 1.66 -37.70 19.51
N GLU C 37 2.97 -37.39 19.48
CA GLU C 37 3.42 -36.08 19.92
C GLU C 37 2.78 -34.97 19.09
N SER C 38 2.72 -35.15 17.77
CA SER C 38 2.11 -34.14 16.91
C SER C 38 0.63 -33.97 17.23
N TYR C 39 -0.12 -35.06 17.22
CA TYR C 39 -1.56 -34.99 17.49
C TYR C 39 -1.81 -34.51 18.92
N ASN C 40 -0.92 -34.83 19.85
CA ASN C 40 -1.07 -34.34 21.22
C ASN C 40 -0.89 -32.83 21.30
N GLN C 41 0.09 -32.30 20.56
CA GLN C 41 0.25 -30.85 20.50
C GLN C 41 -1.03 -30.18 20.01
N PHE C 42 -1.74 -30.83 19.08
CA PHE C 42 -3.02 -30.31 18.62
C PHE C 42 -4.06 -30.37 19.73
N LYS C 43 -4.19 -31.55 20.37
CA LYS C 43 -5.21 -31.71 21.40
C LYS C 43 -5.06 -30.67 22.50
N GLU C 44 -3.83 -30.32 22.84
CA GLU C 44 -3.56 -29.35 23.91
C GLU C 44 -3.61 -27.90 23.42
N ASN C 45 -4.11 -27.66 22.22
CA ASN C 45 -4.24 -26.31 21.66
C ASN C 45 -2.90 -25.56 21.77
N LYS C 46 -1.84 -26.21 21.31
CA LYS C 46 -0.55 -25.55 21.10
C LYS C 46 -0.32 -25.21 19.64
N LEU C 47 -1.26 -25.53 18.76
CA LEU C 47 -1.26 -25.10 17.38
C LEU C 47 -2.29 -23.98 17.20
N ILE C 48 -2.14 -23.22 16.12
CA ILE C 48 -2.99 -22.08 15.85
C ILE C 48 -3.49 -22.17 14.41
N GLU C 49 -4.74 -21.77 14.20
CA GLU C 49 -5.33 -21.79 12.86
C GLU C 49 -4.53 -20.90 11.92
N ALA C 50 -4.16 -21.46 10.76
CA ALA C 50 -3.34 -20.71 9.82
C ALA C 50 -4.12 -19.60 9.15
N GLY C 51 -5.44 -19.77 8.99
CA GLY C 51 -6.25 -18.77 8.31
C GLY C 51 -7.36 -18.20 9.17
N MET C 52 -8.27 -17.45 8.54
CA MET C 52 -9.36 -16.79 9.23
C MET C 52 -10.67 -17.02 8.48
N ASN C 53 -11.76 -17.06 9.23
CA ASN C 53 -13.08 -17.22 8.64
C ASN C 53 -14.12 -16.39 9.39
N ASP C 57 -14.50 -11.08 7.45
CA ASP C 57 -14.42 -10.14 6.34
C ASP C 57 -14.92 -10.79 5.06
N LYS C 58 -14.97 -10.01 3.97
CA LYS C 58 -15.48 -10.54 2.71
C LYS C 58 -14.46 -11.47 2.07
N TRP C 59 -13.18 -11.12 2.12
CA TRP C 59 -12.10 -11.96 1.63
C TRP C 59 -11.48 -12.66 2.83
N LYS C 60 -11.57 -13.99 2.86
CA LYS C 60 -11.28 -14.77 4.04
C LYS C 60 -9.92 -15.46 3.91
N ASP C 61 -9.09 -15.33 4.95
CA ASP C 61 -7.78 -15.95 4.96
C ASP C 61 -7.86 -17.47 5.04
N LYS C 62 -8.96 -18.03 5.57
CA LYS C 62 -9.11 -19.47 5.62
C LYS C 62 -9.29 -20.08 4.24
N SER C 63 -9.74 -19.30 3.26
CA SER C 63 -9.86 -19.79 1.89
C SER C 63 -8.49 -20.14 1.31
N ILE C 64 -7.41 -19.65 1.91
CA ILE C 64 -6.07 -19.99 1.42
C ILE C 64 -5.66 -21.36 1.92
N ARG C 65 -5.68 -21.56 3.25
CA ARG C 65 -5.24 -22.80 3.86
C ARG C 65 -6.10 -23.06 5.09
N GLY C 66 -6.42 -24.34 5.32
CA GLY C 66 -7.31 -24.71 6.39
C GLY C 66 -6.66 -25.55 7.47
N ASP C 67 -5.34 -25.52 7.55
CA ASP C 67 -4.61 -26.32 8.52
C ASP C 67 -4.41 -25.55 9.84
N TYR C 68 -3.94 -26.28 10.84
CA TYR C 68 -3.54 -25.71 12.12
C TYR C 68 -2.06 -26.00 12.32
N ILE C 69 -1.30 -24.97 12.69
CA ILE C 69 0.15 -25.05 12.59
C ILE C 69 0.80 -24.59 13.90
N GLN C 70 2.06 -25.00 14.06
CA GLN C 70 2.91 -24.56 15.16
C GLN C 70 4.30 -24.34 14.61
N TRP C 71 4.91 -23.20 14.97
CA TRP C 71 6.28 -22.91 14.56
C TRP C 71 7.23 -23.41 15.64
N ILE C 72 8.03 -24.41 15.30
CA ILE C 72 8.96 -25.02 16.24
C ILE C 72 10.34 -24.41 16.01
N HIS C 73 10.93 -23.87 17.07
CA HIS C 73 12.22 -23.19 17.01
C HIS C 73 13.29 -24.17 17.48
N ARG C 74 13.96 -24.81 16.53
CA ARG C 74 14.95 -25.84 16.83
C ARG C 74 16.36 -25.26 16.78
N SER C 86 13.46 -33.61 28.69
CA SER C 86 12.41 -32.95 29.46
C SER C 86 11.32 -32.39 28.56
N SER C 87 11.54 -32.48 27.25
CA SER C 87 10.60 -31.94 26.27
C SER C 87 9.50 -32.93 25.95
N THR C 88 8.35 -32.40 25.53
CA THR C 88 7.22 -33.22 25.10
C THR C 88 7.26 -33.52 23.61
N ILE C 89 8.19 -32.92 22.87
CA ILE C 89 8.32 -33.15 21.44
C ILE C 89 9.67 -33.79 21.16
N ARG C 90 10.14 -34.61 22.10
CA ARG C 90 11.46 -35.23 21.97
C ARG C 90 11.55 -36.03 20.66
N ASN C 91 10.57 -36.89 20.40
CA ASN C 91 10.60 -37.67 19.18
C ASN C 91 10.50 -36.78 17.94
N ILE C 92 9.77 -35.67 18.04
CA ILE C 92 9.75 -34.69 16.96
C ILE C 92 11.13 -34.07 16.77
N ASN C 93 11.76 -33.67 17.88
CA ASN C 93 13.10 -33.12 17.81
C ASN C 93 14.08 -34.10 17.19
N TYR C 94 13.92 -35.39 17.48
CA TYR C 94 14.74 -36.42 16.86
C TYR C 94 14.62 -36.36 15.34
N LEU C 95 13.39 -36.26 14.84
CA LEU C 95 13.17 -36.10 13.40
C LEU C 95 13.87 -34.85 12.88
N LEU C 96 13.67 -33.72 13.58
CA LEU C 96 14.27 -32.46 13.13
C LEU C 96 15.80 -32.56 13.11
N ASP C 97 16.38 -33.33 14.03
CA ASP C 97 17.82 -33.54 13.99
C ASP C 97 18.23 -34.28 12.71
N LYS C 98 17.45 -35.27 12.30
CA LYS C 98 17.76 -35.99 11.07
C LYS C 98 17.62 -35.09 9.85
N LEU C 99 16.59 -34.24 9.83
CA LEU C 99 16.47 -33.26 8.76
C LEU C 99 17.63 -32.27 8.80
N ASP C 100 18.16 -32.00 9.99
CA ASP C 100 19.34 -31.14 10.10
C ASP C 100 20.54 -31.78 9.41
N LEU C 101 20.64 -33.12 9.48
CA LEU C 101 21.73 -33.81 8.79
C LEU C 101 21.60 -33.70 7.28
N ILE C 102 20.37 -33.61 6.77
CA ILE C 102 20.17 -33.37 5.34
C ILE C 102 20.65 -31.97 4.97
N LYS C 103 20.34 -30.98 5.81
CA LYS C 103 20.87 -29.64 5.62
C LYS C 103 22.40 -29.67 5.54
N ASN C 104 23.03 -30.43 6.45
CA ASN C 104 24.48 -30.54 6.43
C ASN C 104 24.95 -31.20 5.14
N GLU C 105 24.27 -32.26 4.70
CA GLU C 105 24.63 -32.90 3.44
C GLU C 105 24.46 -31.94 2.28
N PHE C 106 23.44 -31.08 2.32
CA PHE C 106 23.27 -30.07 1.28
C PHE C 106 24.51 -29.19 1.19
N ASP C 107 25.00 -28.69 2.32
CA ASP C 107 26.14 -27.79 2.30
C ASP C 107 27.39 -28.50 1.79
N ASN C 108 27.62 -29.73 2.24
CA ASN C 108 28.82 -30.46 1.85
C ASN C 108 28.73 -30.99 0.42
N VAL C 109 27.53 -31.33 -0.05
CA VAL C 109 27.38 -31.92 -1.38
C VAL C 109 27.38 -30.86 -2.47
N ILE C 110 26.75 -29.71 -2.21
CA ILE C 110 26.48 -28.70 -3.23
C ILE C 110 27.53 -27.60 -3.16
N PRO C 111 28.07 -27.12 -4.35
CA PRO C 111 28.97 -25.97 -4.39
C PRO C 111 28.24 -24.68 -4.09
N ASN C 112 28.62 -24.04 -2.98
CA ASN C 112 28.10 -22.74 -2.59
C ASN C 112 26.57 -22.76 -2.50
N PHE C 113 26.05 -23.72 -1.72
CA PHE C 113 24.68 -23.61 -1.23
C PHE C 113 24.64 -22.78 0.04
N ASN C 114 25.52 -23.09 1.00
CA ASN C 114 25.77 -22.24 2.15
C ASN C 114 24.46 -21.85 2.83
N SER C 115 23.79 -22.86 3.37
CA SER C 115 22.54 -22.64 4.10
C SER C 115 22.72 -21.54 5.14
N ILE C 116 21.70 -20.70 5.27
CA ILE C 116 21.73 -19.62 6.26
C ILE C 116 21.09 -20.04 7.57
N LYS C 117 19.87 -20.57 7.51
CA LYS C 117 19.17 -21.03 8.70
C LYS C 117 18.08 -22.00 8.27
N THR C 118 17.29 -22.47 9.24
CA THR C 118 16.17 -23.34 8.98
C THR C 118 14.93 -22.81 9.70
N GLN C 119 13.76 -23.22 9.21
CA GLN C 119 12.49 -22.85 9.80
C GLN C 119 11.59 -24.07 9.77
N THR C 120 10.97 -24.38 10.90
CA THR C 120 10.22 -25.63 11.06
C THR C 120 8.77 -25.33 11.40
N GLN C 121 7.86 -26.02 10.73
CA GLN C 121 6.43 -25.89 10.95
C GLN C 121 5.82 -27.27 11.17
N LEU C 122 5.04 -27.39 12.25
CA LEU C 122 4.18 -28.55 12.46
C LEU C 122 2.77 -28.17 12.01
N ALA C 123 2.16 -29.02 11.19
CA ALA C 123 0.87 -28.71 10.59
C ALA C 123 -0.08 -29.89 10.74
N VAL C 124 -1.35 -29.57 10.99
CA VAL C 124 -2.41 -30.56 11.13
C VAL C 124 -3.63 -30.08 10.33
N TYR C 125 -4.01 -30.85 9.31
CA TYR C 125 -5.27 -30.62 8.61
C TYR C 125 -6.35 -31.49 9.22
N LEU C 126 -7.53 -30.92 9.40
CA LEU C 126 -8.69 -31.68 9.84
C LEU C 126 -9.52 -32.06 8.63
N ASN C 127 -10.69 -32.66 8.87
CA ASN C 127 -11.50 -33.20 7.78
C ASN C 127 -11.97 -32.08 6.86
N GLY C 128 -11.58 -32.18 5.59
CA GLY C 128 -12.00 -31.22 4.59
C GLY C 128 -11.04 -30.06 4.35
N GLY C 129 -9.95 -29.97 5.11
CA GLY C 129 -9.02 -28.89 4.93
C GLY C 129 -8.22 -29.02 3.64
N ARG C 130 -7.60 -27.92 3.24
CA ARG C 130 -6.84 -27.90 1.99
C ARG C 130 -5.85 -26.73 2.03
N TYR C 131 -5.03 -26.63 0.99
CA TYR C 131 -4.10 -25.53 0.79
C TYR C 131 -4.02 -25.27 -0.70
N ILE C 132 -4.41 -24.07 -1.13
CA ILE C 132 -4.51 -23.75 -2.56
C ILE C 132 -3.12 -23.74 -3.18
N LYS C 133 -3.05 -23.76 -4.51
CA LYS C 133 -1.78 -23.75 -5.21
C LYS C 133 -0.98 -22.51 -4.80
N HIS C 134 0.30 -22.71 -4.49
CA HIS C 134 1.12 -21.64 -3.95
C HIS C 134 2.58 -22.02 -4.05
N ARG C 135 3.44 -21.04 -3.77
CA ARG C 135 4.86 -21.25 -3.57
C ARG C 135 5.22 -20.83 -2.14
N ASP C 136 6.10 -21.58 -1.50
CA ASP C 136 6.47 -21.27 -0.12
C ASP C 136 7.43 -20.11 -0.02
N SER C 137 8.16 -19.79 -1.08
CA SER C 137 9.16 -18.74 -1.04
C SER C 137 8.51 -17.36 -1.12
N PHE C 138 9.27 -16.36 -0.66
CA PHE C 138 8.81 -14.98 -0.68
C PHE C 138 10.04 -14.08 -0.59
N TYR C 139 9.81 -12.79 -0.85
CA TYR C 139 10.85 -11.77 -0.75
C TYR C 139 10.43 -10.76 0.31
N SER C 140 11.28 -10.58 1.32
CA SER C 140 11.01 -9.66 2.40
C SER C 140 12.29 -8.95 2.80
N SER C 141 12.15 -7.87 3.58
CA SER C 141 13.29 -7.06 3.97
C SER C 141 14.19 -7.74 4.99
N GLU C 142 13.78 -8.89 5.54
CA GLU C 142 14.62 -9.56 6.53
C GLU C 142 15.86 -10.18 5.90
N SER C 143 15.78 -10.54 4.62
CA SER C 143 16.91 -11.15 3.91
C SER C 143 17.02 -10.53 2.53
N LEU C 144 18.26 -10.26 2.11
CA LEU C 144 18.51 -9.66 0.81
C LEU C 144 18.35 -10.63 -0.35
N THR C 145 18.34 -11.93 -0.06
CA THR C 145 18.06 -12.96 -1.05
C THR C 145 16.68 -13.56 -0.79
N ILE C 146 16.21 -14.35 -1.76
CA ILE C 146 14.92 -14.98 -1.60
C ILE C 146 14.92 -15.85 -0.33
N SER C 147 13.75 -15.93 0.30
CA SER C 147 13.58 -16.74 1.50
C SER C 147 13.19 -18.16 1.12
N ARG C 148 13.58 -19.11 1.97
CA ARG C 148 13.15 -20.50 1.81
C ARG C 148 13.60 -21.17 0.51
N ARG C 149 14.89 -21.52 0.41
CA ARG C 149 15.38 -22.16 -0.80
C ARG C 149 14.94 -23.62 -0.93
N ILE C 150 14.94 -24.39 0.16
CA ILE C 150 14.62 -25.81 0.11
C ILE C 150 13.44 -26.10 1.03
N THR C 151 12.56 -27.00 0.59
CA THR C 151 11.39 -27.43 1.37
C THR C 151 11.51 -28.92 1.63
N MET C 152 11.45 -29.30 2.91
CA MET C 152 11.50 -30.70 3.32
C MET C 152 10.28 -31.00 4.17
N ILE C 153 9.44 -31.94 3.71
CA ILE C 153 8.17 -32.26 4.36
C ILE C 153 8.18 -33.74 4.74
N TYR C 154 7.92 -34.02 6.00
CA TYR C 154 7.86 -35.39 6.52
C TYR C 154 6.43 -35.69 6.95
N TYR C 155 5.83 -36.71 6.35
CA TYR C 155 4.44 -37.07 6.60
C TYR C 155 4.38 -38.20 7.62
N VAL C 156 3.36 -38.13 8.49
CA VAL C 156 3.24 -39.07 9.61
C VAL C 156 1.87 -39.72 9.62
N ASN C 157 1.25 -39.85 8.44
CA ASN C 157 -0.11 -40.38 8.35
C ASN C 157 -0.03 -41.90 8.24
N LYS C 158 -0.19 -42.58 9.37
CA LYS C 158 -0.15 -44.04 9.39
C LYS C 158 -1.43 -44.61 8.80
N ASP C 159 -1.28 -45.66 8.01
CA ASP C 159 -2.41 -46.38 7.42
C ASP C 159 -3.26 -45.45 6.55
N TRP C 160 -2.63 -44.98 5.48
CA TRP C 160 -3.27 -44.12 4.48
C TRP C 160 -3.58 -44.94 3.23
N LYS C 161 -4.72 -44.65 2.60
CA LYS C 161 -5.17 -45.42 1.45
C LYS C 161 -5.53 -44.47 0.31
N LYS C 162 -5.65 -45.07 -0.89
CA LYS C 162 -5.76 -44.29 -2.12
C LYS C 162 -6.87 -43.23 -2.04
N GLY C 163 -8.03 -43.62 -1.50
CA GLY C 163 -9.16 -42.72 -1.48
C GLY C 163 -9.22 -41.76 -0.32
N ASP C 164 -8.22 -41.77 0.57
CA ASP C 164 -8.25 -40.92 1.75
C ASP C 164 -8.03 -39.44 1.43
N GLY C 165 -7.65 -39.10 0.21
CA GLY C 165 -7.43 -37.71 -0.11
C GLY C 165 -6.22 -37.15 0.62
N GLY C 166 -6.15 -35.82 0.64
CA GLY C 166 -5.05 -35.14 1.30
C GLY C 166 -3.73 -35.22 0.58
N GLU C 167 -3.72 -35.62 -0.69
CA GLU C 167 -2.49 -35.67 -1.45
C GLU C 167 -1.88 -34.28 -1.58
N LEU C 168 -0.58 -34.26 -1.87
CA LEU C 168 0.13 -33.01 -2.18
C LEU C 168 0.36 -32.99 -3.69
N ARG C 169 -0.44 -32.20 -4.39
CA ARG C 169 -0.33 -32.08 -5.84
C ARG C 169 0.85 -31.18 -6.19
N LEU C 170 1.85 -31.75 -6.88
CA LEU C 170 3.08 -31.05 -7.20
C LEU C 170 3.11 -30.74 -8.69
N TYR C 171 3.11 -29.45 -9.02
CA TYR C 171 3.17 -29.01 -10.40
C TYR C 171 4.63 -28.88 -10.83
N THR C 172 4.92 -29.32 -12.05
CA THR C 172 6.29 -29.44 -12.54
C THR C 172 6.52 -28.38 -13.61
N ASN C 173 7.30 -27.36 -13.27
CA ASN C 173 7.67 -26.32 -14.21
C ASN C 173 9.06 -25.80 -13.86
N ASN C 174 9.69 -25.17 -14.84
CA ASN C 174 11.03 -24.62 -14.68
C ASN C 174 12.03 -25.74 -14.35
N GLU C 188 2.08 -30.02 -16.45
CA GLU C 188 1.84 -31.33 -15.86
C GLU C 188 2.00 -31.27 -14.34
N PHE C 189 1.57 -32.32 -13.65
CA PHE C 189 1.63 -32.37 -12.20
C PHE C 189 1.77 -33.82 -11.76
N ILE C 190 2.11 -34.00 -10.49
CA ILE C 190 2.23 -35.32 -9.88
C ILE C 190 1.59 -35.26 -8.51
N ASP C 191 0.71 -36.23 -8.22
CA ASP C 191 0.07 -36.34 -6.91
C ASP C 191 0.94 -37.23 -6.02
N ILE C 192 1.32 -36.70 -4.85
CA ILE C 192 2.22 -37.38 -3.94
C ILE C 192 1.41 -37.78 -2.71
N GLU C 193 1.23 -39.08 -2.52
CA GLU C 193 0.48 -39.56 -1.37
C GLU C 193 1.24 -39.24 -0.09
N PRO C 194 0.58 -38.71 0.95
CA PRO C 194 1.26 -38.33 2.19
C PRO C 194 1.44 -39.50 3.16
N ILE C 195 1.91 -40.63 2.64
CA ILE C 195 2.08 -41.81 3.46
C ILE C 195 3.09 -41.54 4.57
N ALA C 196 2.96 -42.28 5.67
CA ALA C 196 3.85 -42.10 6.81
C ALA C 196 5.29 -42.46 6.45
N ASP C 197 6.22 -41.81 7.13
CA ASP C 197 7.66 -42.01 6.96
C ASP C 197 8.18 -41.50 5.62
N ARG C 198 7.33 -40.88 4.80
CA ARG C 198 7.75 -40.36 3.51
C ARG C 198 8.31 -38.96 3.69
N LEU C 199 9.43 -38.69 3.01
CA LEU C 199 10.09 -37.39 3.04
C LEU C 199 10.12 -36.83 1.63
N LEU C 200 9.51 -35.67 1.45
CA LEU C 200 9.48 -34.97 0.16
C LEU C 200 10.40 -33.76 0.23
N ILE C 201 11.27 -33.64 -0.77
CA ILE C 201 12.19 -32.52 -0.88
C ILE C 201 12.01 -31.89 -2.25
N PHE C 202 11.75 -30.59 -2.27
CA PHE C 202 11.64 -29.87 -3.54
C PHE C 202 12.13 -28.44 -3.34
N LEU C 203 12.48 -27.80 -4.46
CA LEU C 203 13.03 -26.45 -4.45
C LEU C 203 11.88 -25.46 -4.25
N SER C 204 11.83 -24.84 -3.08
CA SER C 204 10.73 -23.95 -2.75
C SER C 204 10.51 -22.84 -3.78
N PRO C 205 11.53 -22.15 -4.27
CA PRO C 205 11.28 -20.97 -5.12
C PRO C 205 10.56 -21.28 -6.42
N PHE C 206 10.63 -22.51 -6.93
CA PHE C 206 10.32 -22.76 -8.33
C PHE C 206 9.12 -23.66 -8.57
N LEU C 207 8.73 -24.52 -7.64
CA LEU C 207 7.67 -25.48 -7.86
C LEU C 207 6.43 -25.10 -7.07
N GLU C 208 5.31 -24.96 -7.78
CA GLU C 208 4.02 -24.74 -7.14
C GLU C 208 3.45 -26.07 -6.67
N HIS C 209 2.70 -26.03 -5.57
CA HIS C 209 2.15 -27.24 -4.98
C HIS C 209 0.82 -26.92 -4.31
N GLU C 210 0.01 -27.96 -4.14
CA GLU C 210 -1.33 -27.82 -3.59
C GLU C 210 -1.66 -29.05 -2.76
N VAL C 211 -2.26 -28.83 -1.59
CA VAL C 211 -2.74 -29.91 -0.75
C VAL C 211 -4.20 -30.17 -1.11
N LEU C 212 -4.46 -31.31 -1.74
CA LEU C 212 -5.82 -31.62 -2.17
C LEU C 212 -6.71 -31.87 -0.96
N GLN C 213 -8.03 -31.80 -1.20
CA GLN C 213 -9.00 -31.93 -0.13
C GLN C 213 -8.73 -33.19 0.70
N CYS C 214 -8.83 -33.03 2.02
CA CYS C 214 -8.54 -34.10 2.95
C CYS C 214 -9.83 -34.84 3.29
N ASN C 215 -9.86 -36.15 3.02
CA ASN C 215 -10.98 -37.01 3.36
C ASN C 215 -10.74 -37.78 4.65
N PHE C 216 -9.71 -37.43 5.41
CA PHE C 216 -9.40 -38.08 6.66
C PHE C 216 -8.90 -37.05 7.66
N GLU C 217 -8.93 -37.42 8.94
CA GLU C 217 -8.43 -36.57 10.01
C GLU C 217 -7.57 -37.43 10.94
N PRO C 218 -6.37 -36.97 11.33
CA PRO C 218 -5.67 -35.75 10.94
C PRO C 218 -4.55 -36.00 9.93
N ARG C 219 -4.23 -35.00 9.12
CA ARG C 219 -3.12 -35.06 8.18
C ARG C 219 -1.94 -34.35 8.84
N ILE C 220 -0.99 -35.14 9.35
CA ILE C 220 0.15 -34.63 10.10
C ILE C 220 1.35 -34.54 9.18
N ALA C 221 1.96 -33.37 9.12
CA ALA C 221 3.18 -33.15 8.33
C ALA C 221 4.07 -32.18 9.08
N ILE C 222 5.37 -32.46 9.07
CA ILE C 222 6.37 -31.62 9.72
C ILE C 222 7.31 -31.11 8.64
N THR C 223 7.36 -29.79 8.46
CA THR C 223 8.14 -29.17 7.41
C THR C 223 9.35 -28.45 8.01
N THR C 224 10.47 -28.51 7.30
CA THR C 224 11.68 -27.77 7.66
C THR C 224 12.23 -27.12 6.39
N TRP C 225 11.98 -25.82 6.25
CA TRP C 225 12.56 -25.07 5.14
C TRP C 225 14.01 -24.73 5.44
N ILE C 226 14.85 -24.80 4.41
CA ILE C 226 16.24 -24.37 4.50
C ILE C 226 16.36 -23.04 3.76
N TYR C 227 16.91 -22.03 4.43
CA TYR C 227 17.05 -20.70 3.86
C TYR C 227 18.41 -20.51 3.20
NI NI D . -15.40 37.25 -0.86
C1 GOL E . -4.54 41.96 17.38
O1 GOL E . -5.85 41.49 17.56
C2 GOL E . -4.34 42.16 15.86
O2 GOL E . -3.13 42.78 15.58
C3 GOL E . -4.41 40.74 15.26
O3 GOL E . -3.19 40.49 14.65
C1 OGA F . -13.66 37.58 1.20
C2 OGA F . -14.73 36.52 1.47
C4 OGA F . -15.52 34.49 2.69
C5 OGA F . -15.02 33.50 3.72
O1 OGA F . -12.62 37.64 1.92
O2 OGA F . -13.82 38.36 0.22
O2' OGA F . -15.72 36.54 0.84
O3 OGA F . -15.64 32.41 3.87
N1 OGA F . -14.50 35.50 2.47
O4 OGA F . -13.99 33.75 4.42
NI NI G . -9.22 12.63 -4.62
NI NI H . 3.66 -8.61 -6.10
C1 GOL I . 0.30 -18.29 0.89
O1 GOL I . 0.92 -19.38 0.28
C2 GOL I . 0.12 -17.20 -0.20
O2 GOL I . 0.47 -17.69 -1.46
C3 GOL I . -1.37 -16.79 -0.12
O3 GOL I . -1.46 -15.53 -0.73
C1 OGA J . 6.04 -7.28 -6.39
C2 OGA J . 5.04 -6.97 -7.48
C4 OGA J . 4.20 -5.47 -9.32
C5 OGA J . 4.53 -4.12 -9.92
O1 OGA J . 7.07 -6.57 -6.24
O2 OGA J . 5.78 -8.24 -5.61
O2' OGA J . 4.12 -7.70 -7.65
O3 OGA J . 3.73 -3.63 -10.76
N1 OGA J . 5.18 -5.78 -8.29
O4 OGA J . 5.57 -3.49 -9.58
NI NI K . 3.90 -25.08 0.62
C1 GOL L . 7.64 -14.80 -5.60
O1 GOL L . 6.96 -13.93 -4.75
C2 GOL L . 7.48 -16.21 -5.03
O2 GOL L . 6.28 -16.80 -5.42
C3 GOL L . 8.71 -16.99 -5.57
O3 GOL L . 8.48 -18.34 -5.32
C1 OGA M . 2.92 -25.21 3.10
C2 OGA M . 2.69 -26.48 2.32
C4 OGA M . 2.16 -28.93 2.21
C5 OGA M . 1.95 -30.10 3.16
O1 OGA M . 3.38 -24.19 2.49
O2 OGA M . 2.73 -25.18 4.35
O2' OGA M . 2.81 -26.48 1.15
O3 OGA M . 2.06 -31.27 2.71
N1 OGA M . 2.35 -27.72 2.99
O4 OGA M . 1.65 -29.91 4.37
CL CL N . 23.76 -23.31 9.71
NI NI O . 19.31 -45.05 1.81
#